data_2FVP
#
_entry.id   2FVP
#
_cell.length_a   54.720
_cell.length_b   146.126
_cell.length_c   46.863
_cell.angle_alpha   90.00
_cell.angle_beta   90.00
_cell.angle_gamma   90.00
#
_symmetry.space_group_name_H-M   'P 21 21 2'
#
loop_
_entity.id
_entity.type
_entity.pdbx_description
1 polymer "5'-D(*TP*TP*TP*CP*AP*TP*TP*GP*CP*AP*AP*TP*GP*AP*AP*A)-3'"
2 polymer 'Reverse transcriptase'
3 water water
#
loop_
_entity_poly.entity_id
_entity_poly.type
_entity_poly.pdbx_seq_one_letter_code
_entity_poly.pdbx_strand_id
1 'polydeoxyribonucleotide' (DT)(DT)(DT)(DC)(DA)(DT)(DT)(DG)(DC)(DA)(DA)(DT)(DG)(DA)(DA)(DA) B
2 'polypeptide(L)'
;TWLSDFPQAWAETGGMGLAVRQAPLIIPLKATSTPVSIKQYPMSQEARLGIKPHIQRLLDQGILVPCQSPWNTPLLPVKK
PGTNDYRPVQDLREVNKRVEDIHPTVPNPYNLLSGLPPSHQWYTVLDLKDAFFCLRLHPTSQPLFAFEWRDPEMGISGQL
TWTRLPQGFKNSPTLFDEALHRDLADFRIQHPDLILLQYVDDLLLAATSELDCQQGTRALLQTLGNLGYRASAKKAQICQ
KQVKYLGYLLKEGQR
;
A
#
loop_
_chem_comp.id
_chem_comp.type
_chem_comp.name
_chem_comp.formula
DA DNA linking 2'-DEOXYADENOSINE-5'-MONOPHOSPHATE 'C10 H14 N5 O6 P'
DC DNA linking 2'-DEOXYCYTIDINE-5'-MONOPHOSPHATE 'C9 H14 N3 O7 P'
DG DNA linking 2'-DEOXYGUANOSINE-5'-MONOPHOSPHATE 'C10 H14 N5 O7 P'
DT DNA linking THYMIDINE-5'-MONOPHOSPHATE 'C10 H15 N2 O8 P'
#
# COMPACT_ATOMS: atom_id res chain seq x y z
N THR B 1 15.70 20.37 -1.57
CA THR B 1 15.60 19.76 -2.92
C THR B 1 14.12 19.68 -3.30
N TRP B 2 13.75 18.56 -3.92
CA TRP B 2 12.35 18.33 -4.27
C TRP B 2 11.66 17.93 -2.98
N LEU B 3 12.48 17.46 -2.03
CA LEU B 3 11.99 17.01 -0.74
C LEU B 3 11.42 18.17 0.07
N SER B 4 12.16 19.28 0.11
CA SER B 4 11.73 20.45 0.86
C SER B 4 10.48 21.14 0.31
N ASP B 5 10.29 21.06 -1.00
CA ASP B 5 9.13 21.69 -1.63
C ASP B 5 7.80 20.98 -1.38
N PHE B 6 7.87 19.71 -1.01
CA PHE B 6 6.67 18.92 -0.74
C PHE B 6 6.92 18.05 0.48
N PRO B 7 6.91 18.65 1.67
CA PRO B 7 7.14 17.91 2.92
C PRO B 7 6.06 16.88 3.22
N GLN B 8 4.83 17.21 2.85
CA GLN B 8 3.69 16.33 3.10
C GLN B 8 3.54 15.18 2.11
N ALA B 9 4.16 15.29 0.95
CA ALA B 9 4.07 14.23 -0.05
C ALA B 9 5.03 13.07 0.19
N TRP B 10 6.16 13.34 0.84
CA TRP B 10 7.15 12.31 1.09
C TRP B 10 6.98 11.58 2.41
N ALA B 11 7.12 10.26 2.37
CA ALA B 11 6.98 9.44 3.58
C ALA B 11 8.00 9.90 4.62
N GLU B 12 9.16 10.35 4.13
CA GLU B 12 10.22 10.82 4.99
C GLU B 12 9.79 11.96 5.89
N THR B 13 8.93 12.85 5.38
CA THR B 13 8.50 14.02 6.15
C THR B 13 7.01 14.28 6.34
N GLY B 14 6.15 13.48 5.72
CA GLY B 14 4.72 13.74 5.86
C GLY B 14 4.00 12.88 6.88
N GLY B 15 4.72 11.91 7.46
CA GLY B 15 4.11 11.03 8.43
C GLY B 15 3.29 9.99 7.69
N MET B 16 2.87 8.94 8.39
CA MET B 16 2.07 7.88 7.81
C MET B 16 0.85 8.49 7.10
N GLY B 17 0.53 7.96 5.92
CA GLY B 17 -0.60 8.48 5.17
C GLY B 17 -1.95 8.00 5.65
N LEU B 18 -2.99 8.52 5.01
CA LEU B 18 -4.38 8.18 5.29
C LEU B 18 -5.14 8.84 4.16
N ALA B 19 -5.78 8.04 3.31
CA ALA B 19 -6.53 8.58 2.18
C ALA B 19 -7.82 9.18 2.73
N VAL B 20 -7.79 10.47 3.05
CA VAL B 20 -8.93 11.17 3.62
C VAL B 20 -10.22 11.19 2.80
N ARG B 21 -10.10 11.08 1.48
CA ARG B 21 -11.29 11.13 0.61
C ARG B 21 -11.95 9.77 0.43
N GLN B 22 -11.30 8.71 0.89
CA GLN B 22 -11.86 7.37 0.73
C GLN B 22 -12.64 6.88 1.93
N ALA B 23 -13.90 6.55 1.70
CA ALA B 23 -14.76 6.04 2.76
C ALA B 23 -14.14 4.73 3.29
N PRO B 24 -14.25 4.50 4.60
CA PRO B 24 -13.69 3.27 5.17
C PRO B 24 -14.26 2.08 4.39
N LEU B 25 -13.40 1.12 4.06
CA LEU B 25 -13.80 -0.03 3.28
C LEU B 25 -14.57 -1.13 3.99
N ILE B 26 -15.66 -1.57 3.38
CA ILE B 26 -16.48 -2.65 3.91
C ILE B 26 -16.15 -3.84 3.01
N ILE B 27 -15.82 -4.97 3.63
CA ILE B 27 -15.44 -6.20 2.92
C ILE B 27 -16.56 -7.25 2.94
N PRO B 28 -17.29 -7.41 1.83
CA PRO B 28 -18.37 -8.40 1.76
C PRO B 28 -17.92 -9.84 1.82
N LEU B 29 -18.60 -10.64 2.64
CA LEU B 29 -18.28 -12.06 2.78
C LEU B 29 -19.14 -12.87 1.80
N LYS B 30 -18.70 -14.08 1.49
CA LYS B 30 -19.49 -14.95 0.61
C LYS B 30 -20.77 -15.28 1.36
N ALA B 31 -21.82 -15.61 0.62
CA ALA B 31 -23.13 -15.92 1.19
C ALA B 31 -23.16 -16.98 2.29
N THR B 32 -22.24 -17.93 2.26
CA THR B 32 -22.22 -19.01 3.24
C THR B 32 -21.14 -18.94 4.32
N SER B 33 -20.30 -17.91 4.29
CA SER B 33 -19.23 -17.80 5.28
C SER B 33 -19.62 -17.56 6.73
N THR B 34 -18.86 -18.18 7.62
CA THR B 34 -19.01 -17.97 9.07
C THR B 34 -17.56 -17.79 9.53
N PRO B 35 -17.36 -17.16 10.68
CA PRO B 35 -15.99 -16.94 11.16
C PRO B 35 -15.13 -18.20 11.33
N VAL B 36 -13.86 -18.06 11.01
CA VAL B 36 -12.91 -19.17 11.20
C VAL B 36 -11.90 -18.67 12.22
N SER B 37 -11.62 -19.50 13.22
CA SER B 37 -10.68 -19.11 14.27
C SER B 37 -9.52 -20.08 14.36
N ILE B 38 -8.39 -19.71 13.77
CA ILE B 38 -7.18 -20.53 13.77
C ILE B 38 -6.32 -20.06 14.93
N LYS B 39 -5.96 -20.98 15.83
CA LYS B 39 -5.16 -20.63 16.99
C LYS B 39 -3.73 -20.28 16.56
N GLN B 40 -3.14 -19.27 17.20
CA GLN B 40 -1.79 -18.87 16.88
C GLN B 40 -0.81 -20.00 17.17
N TYR B 41 0.15 -20.22 16.27
CA TYR B 41 1.15 -21.26 16.49
C TYR B 41 2.23 -20.74 17.42
N PRO B 42 2.74 -21.60 18.32
CA PRO B 42 3.79 -21.20 19.25
C PRO B 42 4.94 -20.56 18.47
N MET B 43 5.50 -19.48 19.02
CA MET B 43 6.58 -18.77 18.35
C MET B 43 7.78 -18.67 19.30
N SER B 44 8.98 -18.89 18.77
CA SER B 44 10.18 -18.82 19.59
C SER B 44 10.31 -17.40 20.13
N GLN B 45 11.05 -17.24 21.21
CA GLN B 45 11.23 -15.91 21.77
C GLN B 45 11.99 -15.03 20.78
N GLU B 46 12.96 -15.61 20.08
CA GLU B 46 13.72 -14.85 19.10
C GLU B 46 12.77 -14.23 18.08
N ALA B 47 11.85 -15.04 17.57
CA ALA B 47 10.88 -14.58 16.59
C ALA B 47 9.99 -13.49 17.20
N ARG B 48 9.48 -13.74 18.40
CA ARG B 48 8.63 -12.76 19.05
C ARG B 48 9.36 -11.44 19.27
N LEU B 49 10.59 -11.50 19.77
CA LEU B 49 11.37 -10.30 20.01
C LEU B 49 11.65 -9.55 18.70
N GLY B 50 11.95 -10.31 17.65
CA GLY B 50 12.25 -9.68 16.37
C GLY B 50 11.06 -8.93 15.80
N ILE B 51 9.87 -9.47 16.03
CA ILE B 51 8.63 -8.91 15.54
C ILE B 51 7.98 -7.82 16.42
N LYS B 52 8.21 -7.91 17.73
CA LYS B 52 7.63 -6.97 18.68
C LYS B 52 7.62 -5.47 18.33
N PRO B 53 8.78 -4.89 17.97
CA PRO B 53 8.85 -3.47 17.61
C PRO B 53 7.89 -3.06 16.50
N HIS B 54 7.65 -3.97 15.55
CA HIS B 54 6.76 -3.65 14.46
C HIS B 54 5.32 -3.56 14.94
N ILE B 55 4.90 -4.49 15.80
CA ILE B 55 3.53 -4.43 16.31
C ILE B 55 3.36 -3.19 17.16
N GLN B 56 4.34 -2.91 18.00
CA GLN B 56 4.26 -1.74 18.87
C GLN B 56 4.11 -0.49 18.00
N ARG B 57 4.97 -0.34 17.01
CA ARG B 57 4.92 0.80 16.11
C ARG B 57 3.56 0.92 15.41
N LEU B 58 3.01 -0.19 14.96
CA LEU B 58 1.71 -0.16 14.28
C LEU B 58 0.62 0.18 15.30
N LEU B 59 0.81 -0.24 16.55
CA LEU B 59 -0.16 0.06 17.59
C LEU B 59 -0.12 1.56 17.91
N ASP B 60 1.08 2.13 17.93
CA ASP B 60 1.24 3.54 18.21
C ASP B 60 0.66 4.37 17.07
N GLN B 61 0.79 3.87 15.85
CA GLN B 61 0.27 4.56 14.66
C GLN B 61 -1.24 4.37 14.55
N GLY B 62 -1.80 3.50 15.39
CA GLY B 62 -3.24 3.26 15.36
C GLY B 62 -3.67 2.34 14.20
N ILE B 63 -2.68 1.80 13.51
CA ILE B 63 -2.95 0.90 12.40
C ILE B 63 -3.46 -0.44 12.94
N LEU B 64 -3.04 -0.77 14.16
CA LEU B 64 -3.51 -1.99 14.85
C LEU B 64 -4.21 -1.52 16.11
N VAL B 65 -5.28 -2.22 16.50
CA VAL B 65 -6.00 -1.88 17.72
C VAL B 65 -6.42 -3.17 18.42
N PRO B 66 -6.61 -3.12 19.74
CA PRO B 66 -7.01 -4.35 20.45
C PRO B 66 -8.43 -4.69 20.02
N CYS B 67 -8.80 -5.95 20.18
CA CYS B 67 -10.15 -6.36 19.82
C CYS B 67 -10.40 -7.76 20.31
N GLN B 68 -11.66 -8.16 20.16
CA GLN B 68 -12.13 -9.48 20.51
C GLN B 68 -12.93 -9.84 19.27
N SER B 69 -12.54 -10.90 18.59
CA SER B 69 -13.23 -11.29 17.38
C SER B 69 -13.34 -12.79 17.24
N PRO B 70 -14.44 -13.26 16.64
CA PRO B 70 -14.63 -14.71 16.45
C PRO B 70 -13.71 -15.19 15.32
N TRP B 71 -13.07 -14.24 14.64
CA TRP B 71 -12.14 -14.57 13.57
C TRP B 71 -10.73 -14.53 14.13
N ASN B 72 -9.86 -15.40 13.62
CA ASN B 72 -8.47 -15.39 14.05
C ASN B 72 -7.61 -16.20 13.10
N THR B 73 -6.52 -15.59 12.64
CA THR B 73 -5.58 -16.25 11.75
C THR B 73 -4.19 -16.12 12.35
N PRO B 74 -3.27 -17.02 11.96
CA PRO B 74 -1.89 -17.09 12.43
C PRO B 74 -0.95 -15.99 11.97
N LEU B 75 -0.07 -15.60 12.87
CA LEU B 75 0.95 -14.62 12.59
C LEU B 75 2.23 -15.45 12.42
N LEU B 76 2.90 -15.29 11.29
CA LEU B 76 4.13 -16.04 11.03
C LEU B 76 5.39 -15.20 11.10
N PRO B 77 6.43 -15.73 11.75
CA PRO B 77 7.68 -14.95 11.84
C PRO B 77 8.43 -15.26 10.55
N VAL B 78 8.70 -14.24 9.75
CA VAL B 78 9.42 -14.47 8.50
C VAL B 78 10.66 -13.59 8.40
N LYS B 79 11.81 -14.23 8.33
CA LYS B 79 13.07 -13.50 8.22
C LYS B 79 13.14 -12.78 6.88
N LYS B 80 13.63 -11.55 6.89
CA LYS B 80 13.77 -10.82 5.64
C LYS B 80 14.68 -11.67 4.77
N PRO B 81 14.42 -11.70 3.46
CA PRO B 81 15.20 -12.48 2.49
C PRO B 81 16.67 -12.73 2.85
N GLY B 82 16.94 -13.93 3.36
CA GLY B 82 18.30 -14.29 3.73
C GLY B 82 18.81 -13.57 4.97
N THR B 83 18.21 -12.42 5.27
CA THR B 83 18.61 -11.62 6.43
C THR B 83 18.09 -12.28 7.71
N ASN B 84 18.54 -11.76 8.85
CA ASN B 84 18.14 -12.32 10.14
C ASN B 84 17.09 -11.48 10.87
N ASP B 85 16.51 -10.50 10.19
CA ASP B 85 15.50 -9.64 10.80
C ASP B 85 14.12 -10.26 10.61
N TYR B 86 13.37 -10.40 11.70
CA TYR B 86 12.04 -10.97 11.61
C TYR B 86 10.98 -9.95 11.23
N ARG B 87 10.01 -10.41 10.46
CA ARG B 87 8.93 -9.58 9.97
C ARG B 87 7.61 -10.34 10.13
N PRO B 88 6.57 -9.67 10.64
CA PRO B 88 5.26 -10.30 10.84
C PRO B 88 4.55 -10.56 9.51
N VAL B 89 4.14 -11.80 9.28
CA VAL B 89 3.42 -12.13 8.06
C VAL B 89 2.19 -12.94 8.43
N GLN B 90 1.03 -12.32 8.27
CA GLN B 90 -0.24 -12.96 8.60
C GLN B 90 -0.71 -13.92 7.52
N ASP B 91 -1.08 -15.13 7.92
CA ASP B 91 -1.59 -16.09 6.94
C ASP B 91 -3.10 -15.90 6.88
N LEU B 92 -3.54 -15.08 5.92
CA LEU B 92 -4.95 -14.77 5.73
C LEU B 92 -5.67 -15.64 4.72
N ARG B 93 -5.08 -16.78 4.37
CA ARG B 93 -5.69 -17.64 3.37
C ARG B 93 -7.09 -18.14 3.67
N GLU B 94 -7.36 -18.49 4.93
CA GLU B 94 -8.70 -18.98 5.30
C GLU B 94 -9.70 -17.84 5.31
N VAL B 95 -9.21 -16.63 5.53
CA VAL B 95 -10.09 -15.47 5.51
C VAL B 95 -10.39 -15.17 4.04
N ASN B 96 -9.35 -15.16 3.20
CA ASN B 96 -9.52 -14.90 1.77
C ASN B 96 -10.55 -15.82 1.13
N LYS B 97 -10.57 -17.08 1.54
CA LYS B 97 -11.51 -18.04 0.99
C LYS B 97 -12.94 -17.72 1.35
N ARG B 98 -13.14 -16.98 2.43
CA ARG B 98 -14.48 -16.64 2.87
C ARG B 98 -14.98 -15.27 2.41
N VAL B 99 -14.10 -14.50 1.76
CA VAL B 99 -14.45 -13.17 1.27
C VAL B 99 -14.92 -13.28 -0.18
N GLU B 100 -15.99 -12.54 -0.51
CA GLU B 100 -16.56 -12.57 -1.85
C GLU B 100 -15.54 -12.03 -2.87
N ASP B 101 -15.39 -12.73 -3.98
CA ASP B 101 -14.45 -12.35 -5.03
C ASP B 101 -14.85 -11.07 -5.77
N ILE B 102 -13.86 -10.40 -6.32
CA ILE B 102 -14.12 -9.18 -7.09
C ILE B 102 -13.34 -9.30 -8.38
N HIS B 103 -13.75 -8.55 -9.40
CA HIS B 103 -13.07 -8.61 -10.68
C HIS B 103 -11.68 -7.98 -10.55
N PRO B 104 -10.64 -8.69 -11.01
CA PRO B 104 -9.27 -8.15 -10.94
C PRO B 104 -9.12 -7.03 -11.97
N THR B 105 -9.03 -5.79 -11.52
CA THR B 105 -8.91 -4.68 -12.46
C THR B 105 -7.49 -4.13 -12.64
N VAL B 106 -6.54 -4.70 -11.92
CA VAL B 106 -5.15 -4.24 -12.08
C VAL B 106 -4.60 -4.84 -13.37
N PRO B 107 -4.18 -3.99 -14.32
CA PRO B 107 -3.62 -4.43 -15.61
C PRO B 107 -2.25 -5.06 -15.40
N ASN B 108 -1.91 -6.05 -16.22
CA ASN B 108 -0.58 -6.62 -16.08
C ASN B 108 0.39 -5.59 -16.63
N PRO B 109 1.59 -5.51 -16.05
CA PRO B 109 2.60 -4.55 -16.49
C PRO B 109 2.74 -4.42 -18.02
N TYR B 110 2.78 -5.55 -18.71
CA TYR B 110 2.93 -5.51 -20.17
C TYR B 110 1.89 -4.61 -20.84
N ASN B 111 0.61 -4.88 -20.60
CA ASN B 111 -0.44 -4.08 -21.20
C ASN B 111 -0.39 -2.64 -20.70
N LEU B 112 -0.07 -2.45 -19.42
CA LEU B 112 -0.01 -1.11 -18.88
C LEU B 112 1.00 -0.26 -19.66
N LEU B 113 2.22 -0.79 -19.84
CA LEU B 113 3.25 -0.05 -20.57
C LEU B 113 2.91 0.25 -22.04
N SER B 114 2.03 -0.54 -22.64
CA SER B 114 1.68 -0.31 -24.04
C SER B 114 1.05 1.08 -24.20
N GLY B 115 0.54 1.62 -23.09
CA GLY B 115 -0.07 2.94 -23.12
C GLY B 115 0.96 4.05 -22.97
N LEU B 116 2.21 3.76 -23.32
CA LEU B 116 3.29 4.73 -23.22
C LEU B 116 3.76 5.14 -24.62
N PRO B 117 3.38 6.35 -25.07
CA PRO B 117 3.77 6.87 -26.39
C PRO B 117 5.24 7.28 -26.46
N PRO B 118 5.84 7.23 -27.66
CA PRO B 118 7.24 7.60 -27.87
C PRO B 118 7.47 9.10 -27.71
N SER B 119 6.40 9.87 -27.84
CA SER B 119 6.47 11.32 -27.70
C SER B 119 6.87 11.75 -26.29
N HIS B 120 6.43 10.99 -25.30
CA HIS B 120 6.73 11.30 -23.91
C HIS B 120 7.96 10.54 -23.46
N GLN B 121 9.11 11.20 -23.57
CA GLN B 121 10.40 10.61 -23.21
C GLN B 121 10.87 11.00 -21.81
N TRP B 122 10.18 11.95 -21.17
CA TRP B 122 10.57 12.36 -19.83
C TRP B 122 9.69 11.68 -18.78
N TYR B 123 10.31 10.86 -17.94
CA TYR B 123 9.58 10.12 -16.92
C TYR B 123 9.94 10.40 -15.47
N THR B 124 8.95 10.22 -14.60
CA THR B 124 9.12 10.35 -13.17
C THR B 124 8.49 9.07 -12.63
N VAL B 125 9.18 8.41 -11.70
CA VAL B 125 8.66 7.19 -11.12
C VAL B 125 8.56 7.40 -9.61
N LEU B 126 7.37 7.13 -9.08
CA LEU B 126 7.10 7.27 -7.67
C LEU B 126 6.57 5.97 -7.09
N ASP B 127 7.01 5.64 -5.89
CA ASP B 127 6.58 4.44 -5.20
C ASP B 127 5.84 4.92 -3.94
N LEU B 128 4.58 4.55 -3.81
CA LEU B 128 3.82 4.98 -2.64
C LEU B 128 4.20 4.06 -1.51
N LYS B 129 4.50 4.63 -0.35
CA LYS B 129 4.89 3.86 0.82
C LYS B 129 3.69 3.50 1.68
N ASP B 130 3.68 2.27 2.18
CA ASP B 130 2.58 1.79 3.03
C ASP B 130 1.25 2.19 2.39
N ALA B 131 1.10 1.86 1.10
CA ALA B 131 -0.10 2.18 0.35
C ALA B 131 -1.37 1.62 0.97
N PHE B 132 -1.43 0.30 1.12
CA PHE B 132 -2.61 -0.34 1.69
C PHE B 132 -3.00 0.31 3.01
N PHE B 133 -2.02 0.57 3.88
CA PHE B 133 -2.30 1.17 5.18
C PHE B 133 -2.95 2.55 5.09
N CYS B 134 -2.85 3.20 3.93
CA CYS B 134 -3.48 4.50 3.76
C CYS B 134 -5.00 4.39 3.64
N LEU B 135 -5.52 3.22 3.30
CA LEU B 135 -6.96 3.03 3.17
C LEU B 135 -7.60 2.49 4.44
N ARG B 136 -8.51 3.24 5.02
CA ARG B 136 -9.17 2.81 6.24
C ARG B 136 -10.09 1.62 6.00
N LEU B 137 -10.25 0.82 7.05
CA LEU B 137 -11.14 -0.35 7.01
C LEU B 137 -12.33 0.04 7.85
N HIS B 138 -13.54 -0.20 7.33
CA HIS B 138 -14.72 0.12 8.11
C HIS B 138 -14.73 -0.77 9.35
N PRO B 139 -15.17 -0.22 10.50
CA PRO B 139 -15.23 -0.93 11.78
C PRO B 139 -15.91 -2.30 11.68
N THR B 140 -16.89 -2.41 10.80
CA THR B 140 -17.60 -3.66 10.60
C THR B 140 -16.73 -4.74 9.97
N SER B 141 -15.73 -4.33 9.18
CA SER B 141 -14.87 -5.30 8.52
C SER B 141 -13.56 -5.56 9.25
N GLN B 142 -13.24 -4.73 10.24
CA GLN B 142 -12.00 -4.92 10.98
C GLN B 142 -11.82 -6.26 11.69
N PRO B 143 -12.86 -6.74 12.40
CA PRO B 143 -12.79 -8.02 13.13
C PRO B 143 -12.32 -9.22 12.29
N LEU B 144 -12.59 -9.14 11.00
CA LEU B 144 -12.26 -10.20 10.07
C LEU B 144 -10.77 -10.57 10.02
N PHE B 145 -9.91 -9.58 10.22
CA PHE B 145 -8.46 -9.76 10.14
C PHE B 145 -7.70 -9.87 11.45
N ALA B 146 -8.41 -10.28 12.51
CA ALA B 146 -7.81 -10.40 13.82
C ALA B 146 -6.78 -11.50 13.95
N PHE B 147 -5.82 -11.30 14.86
CA PHE B 147 -4.79 -12.27 15.16
C PHE B 147 -4.43 -12.10 16.65
N GLU B 148 -3.81 -13.12 17.22
CA GLU B 148 -3.44 -13.06 18.64
C GLU B 148 -2.04 -12.52 18.86
N TRP B 149 -1.87 -11.77 19.95
CA TRP B 149 -0.57 -11.24 20.27
C TRP B 149 -0.25 -11.32 21.76
N ARG B 150 0.73 -12.17 22.11
CA ARG B 150 1.17 -12.32 23.49
C ARG B 150 2.24 -11.27 23.77
N ASP B 151 1.95 -10.38 24.70
CA ASP B 151 2.85 -9.29 25.06
C ASP B 151 4.28 -9.64 25.43
N PRO B 152 5.17 -8.63 25.35
CA PRO B 152 6.60 -8.70 25.67
C PRO B 152 6.68 -8.46 27.18
N GLU B 153 6.52 -7.20 27.57
CA GLU B 153 6.52 -6.81 28.97
C GLU B 153 5.07 -6.94 29.40
N MET B 154 4.24 -6.06 28.85
CA MET B 154 2.81 -6.02 29.13
C MET B 154 2.15 -5.17 28.04
N GLY B 155 0.82 -5.21 27.95
CA GLY B 155 0.14 -4.43 26.95
C GLY B 155 -1.20 -4.93 26.44
N ILE B 156 -1.16 -5.97 25.61
CA ILE B 156 -2.37 -6.54 25.00
C ILE B 156 -2.89 -7.82 25.67
N SER B 157 -4.21 -7.91 25.79
CA SER B 157 -4.86 -9.06 26.40
C SER B 157 -4.71 -10.30 25.51
N GLY B 158 -5.16 -10.17 24.26
CA GLY B 158 -5.07 -11.28 23.34
C GLY B 158 -5.05 -10.88 21.88
N GLN B 159 -6.22 -10.57 21.34
CA GLN B 159 -6.34 -10.21 19.92
C GLN B 159 -6.10 -8.74 19.54
N LEU B 160 -5.57 -8.58 18.33
CA LEU B 160 -5.31 -7.27 17.74
C LEU B 160 -5.84 -7.40 16.32
N THR B 161 -6.27 -6.29 15.73
CA THR B 161 -6.70 -6.34 14.35
C THR B 161 -6.36 -5.06 13.63
N TRP B 162 -6.59 -5.03 12.31
CA TRP B 162 -6.25 -3.87 11.51
C TRP B 162 -7.36 -2.84 11.32
N THR B 163 -6.97 -1.56 11.25
CA THR B 163 -7.93 -0.48 11.01
C THR B 163 -7.71 0.02 9.58
N ARG B 164 -6.74 -0.59 8.90
CA ARG B 164 -6.42 -0.24 7.51
C ARG B 164 -6.38 -1.53 6.69
N LEU B 165 -6.44 -1.38 5.37
CA LEU B 165 -6.38 -2.52 4.44
C LEU B 165 -5.08 -3.27 4.72
N PRO B 166 -5.18 -4.58 5.06
CA PRO B 166 -4.05 -5.46 5.38
C PRO B 166 -3.25 -6.12 4.26
N GLN B 167 -2.02 -6.48 4.59
CA GLN B 167 -1.14 -7.20 3.68
C GLN B 167 -1.67 -8.64 3.77
N GLY B 168 -1.55 -9.40 2.69
CA GLY B 168 -2.03 -10.78 2.71
C GLY B 168 -3.50 -10.98 2.35
N PHE B 169 -4.26 -9.90 2.26
CA PHE B 169 -5.68 -9.96 1.91
C PHE B 169 -5.74 -9.94 0.39
N LYS B 170 -6.31 -11.01 -0.19
CA LYS B 170 -6.39 -11.17 -1.65
C LYS B 170 -6.88 -9.97 -2.45
N ASN B 171 -7.77 -9.16 -1.88
CA ASN B 171 -8.29 -8.02 -2.62
C ASN B 171 -7.62 -6.68 -2.33
N SER B 172 -6.58 -6.66 -1.51
CA SER B 172 -5.92 -5.39 -1.23
C SER B 172 -5.33 -4.68 -2.46
N PRO B 173 -4.59 -5.41 -3.31
CA PRO B 173 -4.01 -4.75 -4.49
C PRO B 173 -5.07 -4.07 -5.37
N THR B 174 -6.11 -4.80 -5.72
CA THR B 174 -7.16 -4.25 -6.56
C THR B 174 -7.88 -3.05 -5.91
N LEU B 175 -8.28 -3.18 -4.65
CA LEU B 175 -8.99 -2.10 -3.96
C LEU B 175 -8.13 -0.84 -3.86
N PHE B 176 -6.84 -1.01 -3.63
CA PHE B 176 -5.98 0.16 -3.54
C PHE B 176 -5.91 0.82 -4.90
N ASP B 177 -5.65 0.03 -5.93
CA ASP B 177 -5.55 0.54 -7.30
C ASP B 177 -6.80 1.33 -7.70
N GLU B 178 -7.99 0.79 -7.38
CA GLU B 178 -9.23 1.45 -7.72
C GLU B 178 -9.44 2.74 -6.95
N ALA B 179 -9.10 2.73 -5.65
CA ALA B 179 -9.27 3.94 -4.83
C ALA B 179 -8.33 5.05 -5.31
N LEU B 180 -7.09 4.70 -5.61
CA LEU B 180 -6.14 5.70 -6.08
C LEU B 180 -6.61 6.20 -7.44
N HIS B 181 -7.20 5.32 -8.24
CA HIS B 181 -7.71 5.77 -9.55
C HIS B 181 -8.80 6.82 -9.36
N ARG B 182 -9.65 6.63 -8.34
CA ARG B 182 -10.73 7.59 -8.08
C ARG B 182 -10.15 8.90 -7.56
N ASP B 183 -9.16 8.81 -6.67
CA ASP B 183 -8.55 10.03 -6.14
C ASP B 183 -7.71 10.79 -7.14
N LEU B 184 -7.23 10.12 -8.19
CA LEU B 184 -6.41 10.81 -9.18
C LEU B 184 -7.15 11.10 -10.49
N ALA B 185 -8.45 10.82 -10.51
CA ALA B 185 -9.26 11.07 -11.69
C ALA B 185 -9.16 12.55 -12.09
N ASP B 186 -9.41 13.44 -11.14
CA ASP B 186 -9.34 14.87 -11.42
C ASP B 186 -7.99 15.31 -11.97
N PHE B 187 -6.91 14.81 -11.37
CA PHE B 187 -5.57 15.17 -11.81
C PHE B 187 -5.40 14.85 -13.29
N ARG B 188 -5.92 13.71 -13.71
CA ARG B 188 -5.81 13.33 -15.11
C ARG B 188 -6.55 14.36 -15.96
N ILE B 189 -7.68 14.85 -15.45
CA ILE B 189 -8.46 15.84 -16.18
C ILE B 189 -7.72 17.18 -16.30
N GLN B 190 -7.08 17.62 -15.22
CA GLN B 190 -6.37 18.88 -15.22
C GLN B 190 -5.05 18.84 -15.99
N HIS B 191 -4.59 17.64 -16.36
CA HIS B 191 -3.34 17.50 -17.10
C HIS B 191 -3.50 16.52 -18.26
N PRO B 192 -4.33 16.88 -19.25
CA PRO B 192 -4.62 16.09 -20.44
C PRO B 192 -3.37 15.68 -21.20
N ASP B 193 -2.34 16.53 -21.12
CA ASP B 193 -1.07 16.29 -21.81
C ASP B 193 -0.14 15.26 -21.17
N LEU B 194 -0.29 15.05 -19.86
CA LEU B 194 0.56 14.09 -19.16
C LEU B 194 0.06 12.65 -19.25
N ILE B 195 1.00 11.71 -19.17
CA ILE B 195 0.71 10.29 -19.20
C ILE B 195 0.97 9.74 -17.80
N LEU B 196 -0.05 9.20 -17.16
CA LEU B 196 0.10 8.66 -15.81
C LEU B 196 -0.28 7.18 -15.82
N LEU B 197 0.66 6.34 -15.45
CA LEU B 197 0.41 4.90 -15.39
C LEU B 197 0.34 4.50 -13.92
N GLN B 198 -0.67 3.72 -13.57
CA GLN B 198 -0.81 3.26 -12.18
C GLN B 198 -0.77 1.75 -12.09
N TYR B 199 0.12 1.23 -11.26
CA TYR B 199 0.19 -0.21 -11.02
C TYR B 199 0.24 -0.35 -9.50
N VAL B 200 -0.95 -0.35 -8.89
CA VAL B 200 -1.09 -0.41 -7.44
C VAL B 200 -0.33 0.76 -6.83
N ASP B 201 0.79 0.51 -6.16
CA ASP B 201 1.54 1.60 -5.55
C ASP B 201 2.71 2.10 -6.37
N ASP B 202 2.86 1.62 -7.60
CA ASP B 202 3.95 2.06 -8.47
C ASP B 202 3.44 2.99 -9.55
N LEU B 203 3.86 4.24 -9.48
CA LEU B 203 3.42 5.25 -10.43
C LEU B 203 4.49 5.73 -11.39
N LEU B 204 4.08 6.00 -12.63
CA LEU B 204 4.97 6.50 -13.67
C LEU B 204 4.32 7.70 -14.33
N LEU B 205 5.02 8.82 -14.31
CA LEU B 205 4.54 10.05 -14.93
C LEU B 205 5.36 10.29 -16.20
N ALA B 206 4.69 10.39 -17.33
CA ALA B 206 5.36 10.61 -18.60
C ALA B 206 5.03 11.98 -19.18
N ALA B 207 6.06 12.72 -19.58
CA ALA B 207 5.89 14.04 -20.17
C ALA B 207 6.72 14.19 -21.44
N THR B 208 6.40 15.22 -22.23
CA THR B 208 7.12 15.47 -23.47
C THR B 208 8.44 16.21 -23.23
N SER B 209 8.44 17.13 -22.29
CA SER B 209 9.64 17.90 -22.00
C SER B 209 10.01 17.92 -20.52
N GLU B 210 11.28 18.22 -20.25
CA GLU B 210 11.80 18.29 -18.90
C GLU B 210 11.00 19.27 -18.06
N LEU B 211 10.59 20.38 -18.66
CA LEU B 211 9.79 21.37 -17.94
C LEU B 211 8.43 20.78 -17.56
N ASP B 212 7.76 20.16 -18.53
CA ASP B 212 6.46 19.54 -18.30
C ASP B 212 6.55 18.44 -17.25
N CYS B 213 7.62 17.67 -17.30
CA CYS B 213 7.80 16.59 -16.33
C CYS B 213 8.02 17.17 -14.94
N GLN B 214 8.72 18.30 -14.87
CA GLN B 214 8.98 18.96 -13.60
C GLN B 214 7.71 19.61 -13.04
N GLN B 215 7.00 20.31 -13.90
CA GLN B 215 5.77 20.97 -13.47
C GLN B 215 4.72 19.92 -13.14
N GLY B 216 4.66 18.87 -13.97
CA GLY B 216 3.70 17.82 -13.73
C GLY B 216 3.98 17.12 -12.42
N THR B 217 5.24 16.75 -12.21
CA THR B 217 5.62 16.07 -10.98
C THR B 217 5.29 16.90 -9.74
N ARG B 218 5.49 18.21 -9.81
CA ARG B 218 5.17 19.06 -8.66
C ARG B 218 3.70 18.92 -8.34
N ALA B 219 2.86 19.04 -9.36
CA ALA B 219 1.41 18.92 -9.19
C ALA B 219 1.02 17.53 -8.64
N LEU B 220 1.61 16.48 -9.20
CA LEU B 220 1.32 15.13 -8.76
C LEU B 220 1.68 14.94 -7.29
N LEU B 221 2.87 15.37 -6.91
CA LEU B 221 3.30 15.25 -5.51
C LEU B 221 2.37 16.05 -4.62
N GLN B 222 2.09 17.28 -5.05
CA GLN B 222 1.21 18.16 -4.31
C GLN B 222 -0.12 17.46 -4.08
N THR B 223 -0.70 16.96 -5.15
CA THR B 223 -1.98 16.25 -5.09
C THR B 223 -1.90 15.00 -4.20
N LEU B 224 -0.88 14.19 -4.38
CA LEU B 224 -0.73 12.98 -3.57
C LEU B 224 -0.67 13.31 -2.08
N GLY B 225 0.09 14.35 -1.73
CA GLY B 225 0.19 14.75 -0.34
C GLY B 225 -1.13 15.22 0.22
N ASN B 226 -1.85 16.02 -0.55
CA ASN B 226 -3.13 16.52 -0.10
C ASN B 226 -4.18 15.42 0.05
N LEU B 227 -4.10 14.40 -0.80
CA LEU B 227 -5.04 13.29 -0.73
C LEU B 227 -4.73 12.36 0.44
N GLY B 228 -3.49 12.41 0.94
CA GLY B 228 -3.14 11.57 2.07
C GLY B 228 -2.21 10.40 1.79
N TYR B 229 -1.67 10.32 0.58
CA TYR B 229 -0.75 9.25 0.22
C TYR B 229 0.66 9.78 0.45
N ARG B 230 1.63 8.88 0.45
CA ARG B 230 3.02 9.27 0.67
C ARG B 230 3.94 8.48 -0.25
N ALA B 231 4.79 9.21 -0.96
CA ALA B 231 5.74 8.61 -1.88
C ALA B 231 7.11 8.53 -1.20
N SER B 232 7.89 7.52 -1.55
CA SER B 232 9.22 7.33 -0.99
C SER B 232 10.21 8.26 -1.68
N ALA B 233 10.82 9.15 -0.91
CA ALA B 233 11.78 10.09 -1.47
C ALA B 233 13.08 9.37 -1.81
N LYS B 234 13.41 8.37 -1.02
CA LYS B 234 14.62 7.59 -1.20
C LYS B 234 14.65 6.93 -2.59
N LYS B 235 13.53 6.33 -3.01
CA LYS B 235 13.44 5.65 -4.30
C LYS B 235 13.09 6.54 -5.49
N ALA B 236 12.43 7.66 -5.22
CA ALA B 236 12.00 8.56 -6.28
C ALA B 236 12.99 8.78 -7.43
N GLN B 237 12.49 8.66 -8.65
CA GLN B 237 13.27 8.88 -9.86
C GLN B 237 12.57 10.08 -10.51
N ILE B 238 13.10 11.28 -10.29
CA ILE B 238 12.47 12.49 -10.82
C ILE B 238 13.05 13.00 -12.14
N CYS B 239 12.15 13.30 -13.06
CA CYS B 239 12.47 13.83 -14.38
C CYS B 239 13.75 13.27 -14.98
N GLN B 240 13.73 11.98 -15.27
CA GLN B 240 14.88 11.31 -15.86
C GLN B 240 14.41 10.88 -17.24
N LYS B 241 15.34 10.57 -18.13
CA LYS B 241 14.98 10.13 -19.46
C LYS B 241 15.23 8.62 -19.50
N GLN B 242 15.61 8.11 -18.35
CA GLN B 242 15.92 6.70 -18.19
C GLN B 242 15.49 6.32 -16.78
N VAL B 243 14.49 5.46 -16.64
CA VAL B 243 14.03 5.03 -15.32
C VAL B 243 13.68 3.56 -15.26
N LYS B 244 13.66 3.03 -14.04
CA LYS B 244 13.30 1.64 -13.81
C LYS B 244 11.85 1.65 -13.35
N TYR B 245 10.99 0.91 -14.03
CA TYR B 245 9.59 0.85 -13.66
C TYR B 245 9.04 -0.56 -13.92
N LEU B 246 8.49 -1.15 -12.86
CA LEU B 246 7.90 -2.48 -12.94
C LEU B 246 8.82 -3.52 -13.57
N GLY B 247 10.09 -3.49 -13.19
CA GLY B 247 11.05 -4.45 -13.72
C GLY B 247 11.63 -4.10 -15.07
N TYR B 248 11.20 -2.98 -15.64
CA TYR B 248 11.72 -2.57 -16.94
C TYR B 248 12.65 -1.37 -16.82
N LEU B 249 13.50 -1.21 -17.82
CA LEU B 249 14.39 -0.07 -17.88
C LEU B 249 13.86 0.69 -19.09
N LEU B 250 13.27 1.85 -18.83
CA LEU B 250 12.72 2.66 -19.91
C LEU B 250 13.74 3.66 -20.41
N LYS B 251 13.83 3.78 -21.72
CA LYS B 251 14.77 4.70 -22.37
C LYS B 251 14.53 4.68 -23.88
N GLU B 252 14.48 5.87 -24.48
CA GLU B 252 14.27 5.97 -25.91
C GLU B 252 12.97 5.28 -26.32
N GLY B 253 11.98 5.33 -25.44
CA GLY B 253 10.70 4.72 -25.73
C GLY B 253 10.76 3.20 -25.82
N GLN B 254 11.95 2.63 -25.59
CA GLN B 254 12.13 1.19 -25.65
C GLN B 254 11.78 0.50 -24.34
N ARG B 255 11.12 -0.66 -24.47
CA ARG B 255 10.69 -1.46 -23.33
C ARG B 255 9.55 -0.77 -22.60
#